data_4GIB
#
_entry.id   4GIB
#
_cell.length_a   61.807
_cell.length_b   51.364
_cell.length_c   79.442
_cell.angle_alpha   90.00
_cell.angle_beta   112.04
_cell.angle_gamma   90.00
#
_symmetry.space_group_name_H-M   'P 1 21 1'
#
loop_
_entity.id
_entity.type
_entity.pdbx_description
1 polymer Beta-phosphoglucomutase
2 non-polymer 'SODIUM ION'
3 non-polymer 'PHOSPHATE ION'
4 non-polymer GLYCINE
5 water water
#
_entity_poly.entity_id   1
_entity_poly.type   'polypeptide(L)'
_entity_poly.pdbx_seq_one_letter_code
;MHHHHHHSSGVDLGTENLYFQSNAMIEAFIFDLDGVITDTAYYHYMAWRKLAHKVGIDIDTKFNESLKGISRMESLDRIL
EFGNKKYSFSEEEKVRMAEEKNNYYVSLIDEITSNDILPGIESLLIDVKSNNIKIGLSSASKNAINVLNHLGISDKFDFI
ADAGKCKNNKPHPEIFLMSAKGLNVNPQNCIGIEDASAGIDAINSANMFSVGVGNYENLKKANLVVDSTNQLKFEYIQEK
YNEYIVRRII
;
_entity_poly.pdbx_strand_id   A,B
#
# COMPACT_ATOMS: atom_id res chain seq x y z
N ALA A 24 -40.24 4.67 -9.86
CA ALA A 24 -39.15 4.72 -8.83
C ALA A 24 -37.78 4.44 -9.49
N MET A 25 -37.52 5.11 -10.60
CA MET A 25 -36.28 4.92 -11.34
C MET A 25 -35.12 5.71 -10.72
N ILE A 26 -33.91 5.21 -10.97
CA ILE A 26 -32.69 5.82 -10.44
C ILE A 26 -32.33 7.04 -11.27
N GLU A 27 -32.05 8.16 -10.61
CA GLU A 27 -31.66 9.39 -11.31
C GLU A 27 -30.15 9.49 -11.38
N ALA A 28 -29.45 8.92 -10.40
CA ALA A 28 -27.99 8.94 -10.43
C ALA A 28 -27.28 8.01 -9.48
N PHE A 29 -26.03 7.76 -9.85
CA PHE A 29 -25.05 7.04 -9.06
C PHE A 29 -24.05 8.14 -8.69
N ILE A 30 -23.79 8.31 -7.40
CA ILE A 30 -22.84 9.30 -6.95
C ILE A 30 -21.74 8.54 -6.24
N PHE A 31 -20.53 8.64 -6.76
CA PHE A 31 -19.38 7.92 -6.22
C PHE A 31 -18.46 8.75 -5.36
N ASP A 32 -17.75 8.08 -4.43
CA ASP A 32 -16.68 8.73 -3.72
C ASP A 32 -15.47 8.33 -4.55
N LEU A 33 -14.36 9.04 -4.42
CA LEU A 33 -13.19 8.72 -5.21
C LEU A 33 -12.36 7.60 -4.55
N ASP A 34 -11.66 7.92 -3.46
CA ASP A 34 -10.82 6.95 -2.73
C ASP A 34 -11.55 5.66 -2.32
N GLY A 35 -11.01 4.50 -2.70
CA GLY A 35 -11.58 3.22 -2.30
C GLY A 35 -12.82 2.75 -3.06
N VAL A 36 -13.23 3.53 -4.06
CA VAL A 36 -14.36 3.14 -4.91
C VAL A 36 -13.91 3.24 -6.37
N ILE A 37 -13.47 4.41 -6.78
CA ILE A 37 -12.95 4.60 -8.15
C ILE A 37 -11.47 4.16 -8.22
N THR A 38 -10.69 4.54 -7.21
CA THR A 38 -9.29 4.19 -7.16
C THR A 38 -8.77 4.37 -5.71
N ASP A 39 -7.60 3.82 -5.42
CA ASP A 39 -7.02 3.94 -4.09
C ASP A 39 -6.05 5.13 -3.98
N THR A 40 -6.42 6.09 -3.16
CA THR A 40 -5.60 7.28 -2.90
C THR A 40 -5.20 7.43 -1.43
N ALA A 41 -5.85 6.65 -0.57
CA ALA A 41 -5.67 6.72 0.89
C ALA A 41 -4.23 6.51 1.33
N TYR A 42 -3.55 5.55 0.72
CA TYR A 42 -2.17 5.31 1.10
C TYR A 42 -1.28 6.48 0.67
N TYR A 43 -1.57 7.08 -0.49
CA TYR A 43 -0.76 8.23 -0.96
C TYR A 43 -0.92 9.42 -0.02
N HIS A 44 -2.15 9.71 0.40
CA HIS A 44 -2.41 10.79 1.35
C HIS A 44 -1.66 10.52 2.65
N TYR A 45 -1.72 9.26 3.10
CA TYR A 45 -1.05 8.86 4.34
C TYR A 45 0.47 9.05 4.28
N MET A 46 1.08 8.70 3.16
CA MET A 46 2.52 8.88 2.98
C MET A 46 2.85 10.37 3.03
N ALA A 47 2.00 11.17 2.39
CA ALA A 47 2.18 12.63 2.35
C ALA A 47 1.96 13.27 3.72
N TRP A 48 0.92 12.83 4.44
CA TRP A 48 0.65 13.38 5.76
C TRP A 48 1.71 12.91 6.77
N ARG A 49 2.11 11.65 6.67
N ARG A 49 2.12 11.65 6.67
CA ARG A 49 3.11 11.10 7.57
CA ARG A 49 3.12 11.11 7.60
C ARG A 49 4.40 11.92 7.57
C ARG A 49 4.42 11.92 7.58
N LYS A 50 4.86 12.34 6.39
CA LYS A 50 6.09 13.13 6.26
C LYS A 50 5.98 14.50 6.96
N LEU A 51 4.86 15.17 6.78
CA LEU A 51 4.64 16.47 7.43
C LEU A 51 4.39 16.31 8.93
N ALA A 52 3.68 15.26 9.32
CA ALA A 52 3.42 14.99 10.72
C ALA A 52 4.70 14.75 11.49
N HIS A 53 5.64 13.97 10.93
CA HIS A 53 6.90 13.74 11.61
C HIS A 53 7.59 15.03 11.95
N LYS A 54 7.45 16.04 11.09
CA LYS A 54 8.10 17.36 11.33
C LYS A 54 7.51 18.15 12.49
N VAL A 55 6.41 17.68 13.08
CA VAL A 55 5.82 18.34 14.24
C VAL A 55 5.67 17.35 15.41
N GLY A 56 6.58 16.37 15.45
CA GLY A 56 6.63 15.38 16.52
C GLY A 56 5.46 14.43 16.60
N ILE A 57 4.71 14.31 15.52
CA ILE A 57 3.56 13.45 15.49
C ILE A 57 3.79 12.35 14.46
N ASP A 58 3.64 11.09 14.87
CA ASP A 58 3.80 9.99 13.93
C ASP A 58 2.49 9.22 13.89
N ILE A 59 1.75 9.45 12.81
CA ILE A 59 0.46 8.82 12.59
C ILE A 59 0.71 7.40 12.06
N ASP A 60 -0.28 6.53 12.28
CA ASP A 60 -0.19 5.14 11.84
C ASP A 60 -1.40 4.83 10.97
N THR A 61 -1.33 3.75 10.19
CA THR A 61 -2.45 3.40 9.29
C THR A 61 -3.79 3.21 10.03
N LYS A 62 -3.75 3.17 11.37
CA LYS A 62 -4.96 3.06 12.18
C LYS A 62 -5.55 4.45 12.42
N PHE A 63 -4.74 5.38 12.90
CA PHE A 63 -5.21 6.76 13.12
C PHE A 63 -5.63 7.37 11.80
N ASN A 64 -4.77 7.25 10.79
CA ASN A 64 -5.07 7.75 9.46
C ASN A 64 -6.45 7.32 8.97
N GLU A 65 -6.95 6.23 9.49
CA GLU A 65 -8.26 5.75 9.07
C GLU A 65 -9.37 6.75 9.46
N SER A 66 -9.01 7.83 10.18
CA SER A 66 -9.93 8.94 10.55
C SER A 66 -9.56 10.25 9.82
N LEU A 67 -8.65 10.13 8.85
CA LEU A 67 -8.29 11.24 8.00
C LEU A 67 -8.82 10.91 6.61
N LYS A 68 -9.17 9.64 6.42
CA LYS A 68 -9.67 9.12 5.17
C LYS A 68 -10.95 9.83 4.74
N GLY A 69 -10.95 10.33 3.51
CA GLY A 69 -12.10 11.03 2.98
C GLY A 69 -12.36 12.39 3.60
N ILE A 70 -11.35 12.93 4.29
CA ILE A 70 -11.47 14.24 4.95
C ILE A 70 -10.70 15.29 4.13
N SER A 71 -11.25 16.50 4.02
CA SER A 71 -10.63 17.61 3.29
C SER A 71 -9.26 17.97 3.88
N ARG A 72 -8.42 18.60 3.06
CA ARG A 72 -7.03 18.95 3.40
C ARG A 72 -6.79 19.67 4.72
N MET A 73 -7.41 20.83 4.90
CA MET A 73 -7.19 21.61 6.13
C MET A 73 -7.82 20.95 7.37
N GLU A 74 -8.96 20.28 7.21
CA GLU A 74 -9.56 19.59 8.33
C GLU A 74 -8.65 18.45 8.74
N SER A 75 -8.12 17.73 7.74
CA SER A 75 -7.22 16.60 7.96
C SER A 75 -6.00 17.05 8.74
N LEU A 76 -5.45 18.20 8.37
CA LEU A 76 -4.29 18.75 9.07
C LEU A 76 -4.61 19.05 10.53
N ASP A 77 -5.77 19.67 10.80
CA ASP A 77 -6.21 19.99 12.17
C ASP A 77 -6.36 18.74 13.03
N ARG A 78 -6.89 17.67 12.46
CA ARG A 78 -7.01 16.41 13.18
C ARG A 78 -5.62 15.82 13.50
N ILE A 79 -4.66 15.97 12.60
CA ILE A 79 -3.32 15.47 12.87
C ILE A 79 -2.72 16.27 14.03
N LEU A 80 -2.85 17.59 13.98
CA LEU A 80 -2.31 18.43 15.04
C LEU A 80 -2.99 18.16 16.38
N GLU A 81 -4.31 17.96 16.31
N GLU A 81 -4.31 17.95 16.34
CA GLU A 81 -5.13 17.57 17.47
CA GLU A 81 -5.07 17.63 17.54
C GLU A 81 -4.52 16.38 18.16
C GLU A 81 -4.56 16.35 18.19
N PHE A 82 -4.17 15.38 17.36
CA PHE A 82 -3.61 14.12 17.89
C PHE A 82 -2.39 14.40 18.79
N GLY A 83 -1.70 15.51 18.55
CA GLY A 83 -0.57 15.93 19.36
C GLY A 83 -0.88 17.16 20.22
N ASN A 84 -2.15 17.44 20.44
CA ASN A 84 -2.57 18.59 21.26
C ASN A 84 -2.02 19.93 20.82
N LYS A 85 -1.74 20.08 19.54
CA LYS A 85 -1.20 21.33 19.03
C LYS A 85 -2.02 21.92 17.88
N LYS A 86 -3.31 21.54 17.82
CA LYS A 86 -4.22 22.06 16.79
C LYS A 86 -4.35 23.57 16.85
N TYR A 87 -4.37 24.14 18.05
CA TYR A 87 -4.54 25.58 18.22
C TYR A 87 -3.23 26.34 18.46
N SER A 88 -2.10 25.65 18.31
CA SER A 88 -0.80 26.26 18.58
C SER A 88 -0.19 26.92 17.35
N PHE A 89 -0.70 26.59 16.18
CA PHE A 89 -0.23 27.15 14.92
C PHE A 89 -1.23 28.15 14.36
N SER A 90 -0.72 29.18 13.67
CA SER A 90 -1.58 30.14 12.99
C SER A 90 -2.07 29.45 11.74
N GLU A 91 -3.17 29.91 11.17
CA GLU A 91 -3.69 29.30 9.96
C GLU A 91 -2.71 29.53 8.81
N GLU A 92 -2.02 30.67 8.80
CA GLU A 92 -0.99 30.89 7.77
C GLU A 92 0.01 29.74 7.78
N GLU A 93 0.49 29.43 8.97
CA GLU A 93 1.47 28.39 9.12
C GLU A 93 0.83 27.05 8.72
N LYS A 94 -0.44 26.85 9.07
CA LYS A 94 -1.12 25.65 8.63
C LYS A 94 -1.22 25.65 7.07
N VAL A 95 -1.49 26.81 6.47
CA VAL A 95 -1.53 26.95 5.00
C VAL A 95 -0.18 26.52 4.39
N ARG A 96 0.92 26.92 5.01
N ARG A 96 0.91 26.94 5.01
CA ARG A 96 2.24 26.55 4.51
CA ARG A 96 2.26 26.60 4.55
C ARG A 96 2.45 25.05 4.59
C ARG A 96 2.54 25.09 4.65
N MET A 97 2.07 24.47 5.72
CA MET A 97 2.24 23.03 5.94
C MET A 97 1.39 22.22 4.98
N ALA A 98 0.16 22.68 4.75
CA ALA A 98 -0.75 22.03 3.84
C ALA A 98 -0.21 22.03 2.41
N GLU A 99 0.40 23.14 2.01
CA GLU A 99 0.96 23.28 0.68
C GLU A 99 2.06 22.28 0.42
N GLU A 100 2.98 22.15 1.37
CA GLU A 100 4.10 21.25 1.25
C GLU A 100 3.59 19.82 1.12
N LYS A 101 2.58 19.49 1.91
CA LYS A 101 1.98 18.18 1.85
C LYS A 101 1.30 17.98 0.51
N ASN A 102 0.54 18.97 0.06
CA ASN A 102 -0.17 18.86 -1.22
C ASN A 102 0.82 18.59 -2.36
N ASN A 103 1.87 19.40 -2.46
CA ASN A 103 2.89 19.20 -3.49
C ASN A 103 3.43 17.77 -3.48
N TYR A 104 3.66 17.24 -2.29
CA TYR A 104 4.17 15.89 -2.18
C TYR A 104 3.10 14.88 -2.60
N TYR A 105 1.84 15.10 -2.22
CA TYR A 105 0.75 14.22 -2.60
C TYR A 105 0.56 14.22 -4.14
N VAL A 106 0.58 15.41 -4.74
CA VAL A 106 0.41 15.59 -6.18
C VAL A 106 1.51 14.86 -6.96
N SER A 107 2.69 14.82 -6.38
CA SER A 107 3.81 14.14 -7.00
C SER A 107 3.57 12.64 -7.01
N LEU A 108 2.95 12.13 -5.97
CA LEU A 108 2.66 10.69 -5.90
C LEU A 108 1.56 10.30 -6.85
N ILE A 109 0.46 11.04 -6.87
CA ILE A 109 -0.69 10.67 -7.74
C ILE A 109 -0.46 10.92 -9.21
N ASP A 110 0.54 11.71 -9.56
CA ASP A 110 0.82 11.93 -10.96
C ASP A 110 1.30 10.64 -11.68
N GLU A 111 1.55 9.57 -10.93
CA GLU A 111 1.93 8.27 -11.52
C GLU A 111 0.74 7.32 -11.68
N ILE A 112 -0.46 7.78 -11.38
CA ILE A 112 -1.66 6.94 -11.54
C ILE A 112 -2.03 6.86 -13.03
N THR A 113 -2.49 5.69 -13.48
CA THR A 113 -2.93 5.46 -14.87
C THR A 113 -4.29 4.74 -14.87
N SER A 114 -4.73 4.29 -16.04
CA SER A 114 -6.00 3.57 -16.16
C SER A 114 -5.96 2.20 -15.47
N ASN A 115 -4.77 1.62 -15.37
CA ASN A 115 -4.59 0.35 -14.68
C ASN A 115 -4.97 0.42 -13.20
N ASP A 116 -5.06 1.64 -12.65
CA ASP A 116 -5.36 1.82 -11.23
C ASP A 116 -6.84 1.97 -10.90
N ILE A 117 -7.71 1.85 -11.91
CA ILE A 117 -9.15 1.91 -11.72
C ILE A 117 -9.53 0.64 -10.99
N LEU A 118 -10.26 0.75 -9.88
CA LEU A 118 -10.63 -0.47 -9.15
C LEU A 118 -11.43 -1.42 -10.03
N PRO A 119 -11.22 -2.74 -9.85
CA PRO A 119 -11.92 -3.77 -10.65
C PRO A 119 -13.44 -3.60 -10.64
N GLY A 120 -14.07 -3.72 -11.81
CA GLY A 120 -15.51 -3.60 -11.95
C GLY A 120 -16.07 -2.19 -12.11
N ILE A 121 -15.27 -1.17 -11.85
CA ILE A 121 -15.76 0.23 -11.91
C ILE A 121 -16.04 0.70 -13.32
N GLU A 122 -15.10 0.52 -14.24
CA GLU A 122 -15.34 0.90 -15.64
C GLU A 122 -16.60 0.27 -16.20
N SER A 123 -16.78 -1.01 -15.95
CA SER A 123 -17.96 -1.74 -16.44
C SER A 123 -19.22 -1.15 -15.83
N LEU A 124 -19.17 -0.81 -14.55
CA LEU A 124 -20.31 -0.19 -13.90
C LEU A 124 -20.58 1.16 -14.54
N LEU A 125 -19.54 1.99 -14.65
CA LEU A 125 -19.69 3.33 -15.24
C LEU A 125 -20.39 3.25 -16.61
N ILE A 126 -19.98 2.30 -17.45
CA ILE A 126 -20.61 2.11 -18.75
C ILE A 126 -22.12 1.77 -18.63
N ASP A 127 -22.43 0.72 -17.88
CA ASP A 127 -23.83 0.30 -17.69
C ASP A 127 -24.74 1.41 -17.10
N VAL A 128 -24.23 2.21 -16.17
CA VAL A 128 -25.04 3.29 -15.63
C VAL A 128 -25.44 4.22 -16.76
N LYS A 129 -24.45 4.57 -17.58
CA LYS A 129 -24.63 5.45 -18.71
C LYS A 129 -25.61 4.86 -19.74
N SER A 130 -25.54 3.54 -19.98
CA SER A 130 -26.46 2.89 -20.95
C SER A 130 -27.89 2.83 -20.45
N ASN A 131 -28.07 2.97 -19.15
CA ASN A 131 -29.40 3.00 -18.58
C ASN A 131 -29.88 4.43 -18.38
N ASN A 132 -29.24 5.35 -19.12
CA ASN A 132 -29.60 6.79 -19.09
C ASN A 132 -29.70 7.32 -17.66
N ILE A 133 -28.64 7.09 -16.88
CA ILE A 133 -28.55 7.51 -15.50
C ILE A 133 -27.32 8.41 -15.32
N LYS A 134 -27.47 9.48 -14.55
CA LYS A 134 -26.36 10.41 -14.34
C LYS A 134 -25.33 9.85 -13.38
N ILE A 135 -24.11 10.36 -13.52
CA ILE A 135 -23.00 9.93 -12.71
C ILE A 135 -22.34 11.16 -12.08
N GLY A 136 -22.08 11.08 -10.78
CA GLY A 136 -21.45 12.16 -10.06
C GLY A 136 -20.33 11.68 -9.17
N LEU A 137 -19.46 12.60 -8.77
CA LEU A 137 -18.37 12.27 -7.85
C LEU A 137 -18.50 13.23 -6.68
N SER A 138 -18.51 12.68 -5.47
CA SER A 138 -18.57 13.50 -4.26
C SER A 138 -17.37 13.17 -3.38
N SER A 139 -16.25 13.79 -3.72
CA SER A 139 -15.00 13.57 -3.02
C SER A 139 -14.61 14.82 -2.26
N ALA A 140 -13.94 14.68 -1.12
CA ALA A 140 -13.52 15.84 -0.29
C ALA A 140 -12.18 16.43 -0.72
N SER A 141 -11.64 15.86 -1.79
CA SER A 141 -10.34 16.23 -2.32
C SER A 141 -10.44 17.19 -3.51
N LYS A 142 -9.73 18.31 -3.42
CA LYS A 142 -9.67 19.27 -4.51
C LYS A 142 -8.76 18.75 -5.62
N ASN A 143 -8.21 17.56 -5.42
CA ASN A 143 -7.35 16.91 -6.40
C ASN A 143 -8.09 15.81 -7.15
N ALA A 144 -9.40 15.74 -6.96
CA ALA A 144 -10.21 14.69 -7.58
C ALA A 144 -10.16 14.74 -9.11
N ILE A 145 -10.24 15.96 -9.65
CA ILE A 145 -10.21 16.17 -11.11
C ILE A 145 -8.88 15.64 -11.68
N ASN A 146 -7.77 16.05 -11.09
CA ASN A 146 -6.45 15.58 -11.51
C ASN A 146 -6.42 14.04 -11.52
N VAL A 147 -6.97 13.41 -10.50
CA VAL A 147 -6.95 11.94 -10.42
C VAL A 147 -7.80 11.28 -11.52
N LEU A 148 -9.02 11.76 -11.73
CA LEU A 148 -9.87 11.21 -12.80
C LEU A 148 -9.24 11.33 -14.19
N ASN A 149 -8.51 12.42 -14.42
CA ASN A 149 -7.84 12.61 -15.72
C ASN A 149 -6.71 11.60 -15.92
N HIS A 150 -5.97 11.29 -14.85
CA HIS A 150 -4.92 10.25 -14.88
C HIS A 150 -5.51 8.84 -15.08
N LEU A 151 -6.68 8.60 -14.49
CA LEU A 151 -7.38 7.35 -14.67
C LEU A 151 -7.92 7.28 -16.09
N GLY A 152 -8.19 8.46 -16.66
CA GLY A 152 -8.70 8.58 -18.04
C GLY A 152 -10.22 8.52 -18.18
N ILE A 153 -10.93 8.68 -17.06
CA ILE A 153 -12.39 8.59 -17.05
C ILE A 153 -13.13 9.86 -16.63
N SER A 154 -12.51 11.04 -16.72
CA SER A 154 -13.18 12.27 -16.30
C SER A 154 -14.44 12.55 -17.14
N ASP A 155 -14.41 12.11 -18.40
N ASP A 155 -14.43 12.11 -18.39
CA ASP A 155 -15.51 12.28 -19.34
CA ASP A 155 -15.55 12.30 -19.30
C ASP A 155 -16.76 11.50 -18.95
C ASP A 155 -16.81 11.55 -18.87
N LYS A 156 -16.61 10.46 -18.13
N LYS A 156 -16.65 10.42 -18.20
CA LYS A 156 -17.74 9.66 -17.69
CA LYS A 156 -17.81 9.66 -17.71
C LYS A 156 -18.59 10.37 -16.63
C LYS A 156 -18.63 10.40 -16.64
N PHE A 157 -18.03 11.39 -15.97
CA PHE A 157 -18.72 12.12 -14.89
C PHE A 157 -19.48 13.37 -15.35
N ASP A 158 -20.76 13.41 -15.03
CA ASP A 158 -21.64 14.52 -15.41
C ASP A 158 -21.44 15.71 -14.53
N PHE A 159 -21.09 15.46 -13.27
CA PHE A 159 -20.83 16.52 -12.31
C PHE A 159 -19.81 16.07 -11.27
N ILE A 160 -18.91 16.98 -10.93
CA ILE A 160 -17.88 16.74 -9.94
C ILE A 160 -18.04 17.83 -8.88
N ALA A 161 -18.42 17.42 -7.67
CA ALA A 161 -18.61 18.36 -6.57
C ALA A 161 -17.28 19.00 -6.26
N ASP A 162 -17.28 20.31 -6.11
CA ASP A 162 -16.06 21.02 -5.80
C ASP A 162 -15.86 21.03 -4.29
N ALA A 163 -14.87 20.29 -3.83
CA ALA A 163 -14.54 20.23 -2.41
C ALA A 163 -14.17 21.62 -1.86
N GLY A 164 -13.63 22.49 -2.73
CA GLY A 164 -13.26 23.85 -2.33
C GLY A 164 -14.45 24.69 -1.87
N LYS A 165 -15.66 24.31 -2.24
CA LYS A 165 -16.87 25.05 -1.83
C LYS A 165 -17.68 24.34 -0.74
N CYS A 166 -17.26 23.13 -0.39
CA CYS A 166 -17.91 22.37 0.67
C CYS A 166 -17.41 22.86 2.04
N LYS A 167 -18.36 23.22 2.90
CA LYS A 167 -18.04 23.74 4.23
C LYS A 167 -18.15 22.73 5.36
N ASN A 168 -18.47 21.48 5.04
CA ASN A 168 -18.68 20.46 6.05
C ASN A 168 -18.26 19.07 5.58
N ASN A 169 -17.35 18.48 6.31
CA ASN A 169 -16.86 17.17 5.99
C ASN A 169 -17.81 16.09 6.40
N LYS A 170 -17.68 14.95 5.73
CA LYS A 170 -18.45 13.76 6.05
C LYS A 170 -18.16 13.60 7.54
N PRO A 171 -19.10 13.06 8.32
CA PRO A 171 -20.39 12.52 7.92
C PRO A 171 -21.49 13.54 7.58
N HIS A 172 -21.15 14.84 7.53
CA HIS A 172 -22.14 15.83 7.15
C HIS A 172 -22.45 15.49 5.70
N PRO A 173 -23.71 15.63 5.30
CA PRO A 173 -24.07 15.21 3.93
C PRO A 173 -23.82 16.21 2.82
N GLU A 174 -23.21 17.35 3.15
CA GLU A 174 -22.99 18.40 2.16
C GLU A 174 -22.41 17.93 0.80
N ILE A 175 -21.26 17.26 0.83
CA ILE A 175 -20.58 16.86 -0.40
C ILE A 175 -21.43 16.00 -1.34
N PHE A 176 -22.34 15.20 -0.76
CA PHE A 176 -23.26 14.37 -1.53
C PHE A 176 -24.48 15.17 -2.02
N LEU A 177 -24.96 16.11 -1.22
CA LEU A 177 -26.05 16.99 -1.63
C LEU A 177 -25.57 17.88 -2.78
N MET A 178 -24.28 18.27 -2.76
CA MET A 178 -23.73 19.11 -3.83
C MET A 178 -23.79 18.46 -5.20
N SER A 179 -23.57 17.15 -5.27
CA SER A 179 -23.66 16.45 -6.55
C SER A 179 -25.12 16.32 -6.98
N ALA A 180 -26.03 16.14 -6.03
CA ALA A 180 -27.44 16.05 -6.34
C ALA A 180 -27.94 17.39 -6.90
N LYS A 181 -27.46 18.47 -6.30
CA LYS A 181 -27.79 19.80 -6.76
C LYS A 181 -27.17 20.00 -8.14
N GLY A 182 -25.90 19.61 -8.27
CA GLY A 182 -25.14 19.78 -9.51
C GLY A 182 -25.72 19.08 -10.71
N LEU A 183 -26.16 17.85 -10.50
CA LEU A 183 -26.81 17.04 -11.52
C LEU A 183 -28.27 17.42 -11.68
N ASN A 184 -28.81 18.19 -10.73
CA ASN A 184 -30.21 18.60 -10.71
C ASN A 184 -31.10 17.35 -10.65
N VAL A 185 -30.92 16.56 -9.59
CA VAL A 185 -31.70 15.34 -9.37
C VAL A 185 -32.17 15.25 -7.92
N ASN A 186 -33.18 14.42 -7.70
CA ASN A 186 -33.70 14.22 -6.35
C ASN A 186 -32.82 13.19 -5.62
N PRO A 187 -32.30 13.58 -4.45
CA PRO A 187 -31.46 12.68 -3.66
C PRO A 187 -32.14 11.35 -3.34
N GLN A 188 -33.45 11.37 -3.15
CA GLN A 188 -34.21 10.14 -2.86
C GLN A 188 -34.12 9.11 -3.99
N ASN A 189 -33.71 9.57 -5.18
CA ASN A 189 -33.57 8.69 -6.33
C ASN A 189 -32.11 8.47 -6.70
N CYS A 190 -31.21 8.82 -5.77
CA CYS A 190 -29.79 8.68 -5.99
C CYS A 190 -29.21 7.52 -5.21
N ILE A 191 -28.12 6.97 -5.74
CA ILE A 191 -27.41 5.86 -5.12
C ILE A 191 -26.05 6.48 -4.81
N GLY A 192 -25.60 6.35 -3.56
CA GLY A 192 -24.28 6.85 -3.16
C GLY A 192 -23.39 5.64 -2.84
N ILE A 193 -22.19 5.59 -3.44
CA ILE A 193 -21.23 4.49 -3.23
C ILE A 193 -19.97 4.97 -2.47
N GLU A 194 -19.57 4.20 -1.45
CA GLU A 194 -18.49 4.61 -0.55
C GLU A 194 -17.84 3.43 0.19
N ASP A 195 -16.63 3.63 0.71
CA ASP A 195 -15.90 2.57 1.45
C ASP A 195 -15.59 2.89 2.92
N ALA A 196 -16.04 4.04 3.41
CA ALA A 196 -15.78 4.43 4.81
C ALA A 196 -17.10 4.74 5.48
N SER A 197 -17.18 4.44 6.77
CA SER A 197 -18.39 4.65 7.55
C SER A 197 -18.88 6.11 7.58
N ALA A 198 -17.95 7.06 7.58
CA ALA A 198 -18.33 8.47 7.59
C ALA A 198 -19.09 8.83 6.31
N GLY A 199 -18.62 8.29 5.20
CA GLY A 199 -19.22 8.53 3.91
C GLY A 199 -20.59 7.92 3.82
N ILE A 200 -20.74 6.71 4.36
CA ILE A 200 -22.03 6.02 4.41
C ILE A 200 -22.99 6.86 5.22
N ASP A 201 -22.54 7.43 6.36
CA ASP A 201 -23.43 8.27 7.17
C ASP A 201 -23.85 9.52 6.38
N ALA A 202 -22.93 10.10 5.62
CA ALA A 202 -23.20 11.27 4.79
C ALA A 202 -24.27 10.95 3.72
N ILE A 203 -24.11 9.80 3.07
CA ILE A 203 -25.06 9.33 2.05
C ILE A 203 -26.46 9.16 2.67
N ASN A 204 -26.58 8.40 3.76
CA ASN A 204 -27.91 8.22 4.40
C ASN A 204 -28.45 9.58 4.88
N SER A 205 -27.57 10.45 5.37
CA SER A 205 -28.02 11.75 5.84
C SER A 205 -28.52 12.62 4.70
N ALA A 206 -28.04 12.38 3.47
CA ALA A 206 -28.53 13.07 2.27
C ALA A 206 -29.82 12.41 1.71
N ASN A 207 -30.36 11.43 2.43
CA ASN A 207 -31.57 10.69 2.07
C ASN A 207 -31.41 9.90 0.77
N MET A 208 -30.24 9.30 0.58
CA MET A 208 -29.92 8.50 -0.60
C MET A 208 -29.73 7.03 -0.23
N PHE A 209 -29.72 6.17 -1.25
CA PHE A 209 -29.50 4.75 -1.06
C PHE A 209 -27.98 4.58 -0.91
N SER A 210 -27.54 4.03 0.22
CA SER A 210 -26.12 3.92 0.48
C SER A 210 -25.59 2.53 0.15
N VAL A 211 -24.48 2.49 -0.59
CA VAL A 211 -23.80 1.24 -0.95
C VAL A 211 -22.39 1.31 -0.37
N GLY A 212 -22.09 0.36 0.52
CA GLY A 212 -20.79 0.27 1.16
C GLY A 212 -19.95 -0.84 0.55
N VAL A 213 -18.65 -0.57 0.42
CA VAL A 213 -17.71 -1.52 -0.15
C VAL A 213 -16.58 -1.80 0.81
N GLY A 214 -16.55 -3.03 1.34
CA GLY A 214 -15.51 -3.43 2.27
C GLY A 214 -16.06 -4.26 3.42
N ASN A 215 -15.47 -4.07 4.59
CA ASN A 215 -15.85 -4.76 5.81
C ASN A 215 -17.29 -4.50 6.19
N TYR A 216 -18.02 -5.57 6.49
CA TYR A 216 -19.43 -5.42 6.84
C TYR A 216 -19.65 -4.74 8.17
N GLU A 217 -18.84 -5.10 9.16
CA GLU A 217 -19.01 -4.56 10.50
C GLU A 217 -18.79 -3.05 10.53
N ASN A 218 -17.83 -2.56 9.76
CA ASN A 218 -17.53 -1.14 9.75
C ASN A 218 -18.53 -0.38 8.88
N LEU A 219 -19.17 -1.08 7.93
CA LEU A 219 -20.12 -0.44 7.04
C LEU A 219 -21.57 -0.88 7.31
N LYS A 220 -21.84 -1.30 8.55
CA LYS A 220 -23.18 -1.76 8.96
C LYS A 220 -24.37 -0.84 8.68
N LYS A 221 -24.15 0.46 8.60
CA LYS A 221 -25.26 1.40 8.39
C LYS A 221 -25.63 1.60 6.92
N ALA A 222 -24.92 0.92 6.03
CA ALA A 222 -25.19 1.00 4.63
C ALA A 222 -26.47 0.23 4.32
N ASN A 223 -27.19 0.65 3.29
CA ASN A 223 -28.42 0.00 2.88
C ASN A 223 -28.07 -1.29 2.19
N LEU A 224 -26.87 -1.32 1.60
CA LEU A 224 -26.31 -2.47 0.94
C LEU A 224 -24.78 -2.47 1.10
N VAL A 225 -24.23 -3.64 1.40
CA VAL A 225 -22.81 -3.78 1.57
C VAL A 225 -22.31 -4.89 0.69
N VAL A 226 -21.28 -4.60 -0.11
CA VAL A 226 -20.64 -5.63 -0.90
C VAL A 226 -19.18 -5.71 -0.48
N ASP A 227 -18.55 -6.86 -0.75
CA ASP A 227 -17.17 -7.15 -0.37
C ASP A 227 -16.13 -6.30 -1.06
N SER A 228 -16.25 -6.14 -2.37
CA SER A 228 -15.31 -5.40 -3.16
C SER A 228 -15.98 -4.79 -4.38
N THR A 229 -15.24 -3.91 -5.07
CA THR A 229 -15.74 -3.21 -6.25
C THR A 229 -16.20 -4.17 -7.36
N ASN A 230 -15.66 -5.39 -7.37
CA ASN A 230 -16.07 -6.41 -8.35
C ASN A 230 -17.49 -6.91 -8.13
N GLN A 231 -18.03 -6.63 -6.94
CA GLN A 231 -19.37 -7.07 -6.59
C GLN A 231 -20.40 -5.99 -6.97
N LEU A 232 -19.91 -4.81 -7.37
CA LEU A 232 -20.79 -3.70 -7.77
C LEU A 232 -21.32 -3.88 -9.20
N LYS A 233 -22.27 -4.80 -9.36
CA LYS A 233 -22.87 -5.08 -10.66
C LYS A 233 -24.17 -4.30 -10.76
N PHE A 234 -24.44 -3.75 -11.94
CA PHE A 234 -25.57 -2.88 -12.13
C PHE A 234 -26.94 -3.51 -11.85
N GLU A 235 -27.19 -4.72 -12.34
CA GLU A 235 -28.48 -5.38 -12.12
C GLU A 235 -28.68 -5.73 -10.65
N TYR A 236 -27.60 -6.13 -9.97
CA TYR A 236 -27.66 -6.45 -8.55
C TYR A 236 -27.95 -5.18 -7.74
N ILE A 237 -27.25 -4.11 -8.06
CA ILE A 237 -27.48 -2.84 -7.38
C ILE A 237 -28.94 -2.41 -7.62
N GLN A 238 -29.43 -2.53 -8.85
CA GLN A 238 -30.80 -2.10 -9.14
C GLN A 238 -31.84 -2.94 -8.39
N GLU A 239 -31.70 -4.25 -8.41
CA GLU A 239 -32.64 -5.12 -7.71
C GLU A 239 -32.69 -4.70 -6.22
N LYS A 240 -31.52 -4.48 -5.61
CA LYS A 240 -31.45 -4.08 -4.19
C LYS A 240 -32.01 -2.68 -3.95
N TYR A 241 -31.86 -1.81 -4.95
CA TYR A 241 -32.38 -0.45 -4.87
C TYR A 241 -33.91 -0.46 -4.84
N ASN A 242 -34.52 -1.26 -5.70
CA ASN A 242 -35.98 -1.39 -5.77
C ASN A 242 -36.57 -1.93 -4.48
N GLU A 243 -35.82 -2.81 -3.83
CA GLU A 243 -36.24 -3.41 -2.57
C GLU A 243 -36.29 -2.32 -1.49
N TYR A 244 -35.21 -1.56 -1.42
CA TYR A 244 -35.07 -0.46 -0.50
C TYR A 244 -36.13 0.61 -0.67
N ILE A 245 -36.44 0.96 -1.91
CA ILE A 245 -37.44 1.98 -2.20
C ILE A 245 -38.83 1.54 -1.72
N VAL A 246 -39.20 0.31 -2.01
CA VAL A 246 -40.50 -0.24 -1.61
C VAL A 246 -40.65 -0.27 -0.08
N ARG A 247 -39.56 -0.49 0.63
CA ARG A 247 -39.57 -0.56 2.10
C ARG A 247 -39.14 0.72 2.82
N ARG A 248 -38.45 1.61 2.11
CA ARG A 248 -37.89 2.84 2.69
C ARG A 248 -38.67 3.32 3.92
N MET B 25 20.39 -28.28 16.76
CA MET B 25 21.44 -27.34 17.24
C MET B 25 21.46 -26.12 16.30
N ILE B 26 20.51 -25.21 16.45
CA ILE B 26 20.44 -24.04 15.57
C ILE B 26 21.57 -23.05 15.86
N GLU B 27 22.39 -22.78 14.86
CA GLU B 27 23.51 -21.86 15.00
C GLU B 27 23.11 -20.45 14.65
N ALA B 28 22.18 -20.28 13.71
CA ALA B 28 21.74 -18.97 13.30
C ALA B 28 20.38 -18.92 12.61
N PHE B 29 19.77 -17.73 12.66
CA PHE B 29 18.52 -17.38 11.97
C PHE B 29 18.93 -16.32 10.95
N ILE B 30 18.65 -16.58 9.67
CA ILE B 30 18.99 -15.63 8.60
C ILE B 30 17.69 -15.09 7.95
N PHE B 31 17.40 -13.80 8.12
CA PHE B 31 16.17 -13.17 7.60
C PHE B 31 16.36 -12.41 6.30
N ASP B 32 15.32 -12.39 5.47
CA ASP B 32 15.30 -11.50 4.33
C ASP B 32 14.68 -10.25 4.95
N LEU B 33 14.80 -9.10 4.29
CA LEU B 33 14.25 -7.86 4.85
C LEU B 33 12.78 -7.71 4.52
N ASP B 34 12.49 -7.45 3.26
CA ASP B 34 11.13 -7.24 2.76
C ASP B 34 10.16 -8.40 3.04
N GLY B 35 9.02 -8.08 3.65
CA GLY B 35 7.97 -9.08 3.94
C GLY B 35 8.15 -9.95 5.19
N VAL B 36 9.28 -9.75 5.86
CA VAL B 36 9.61 -10.52 7.05
C VAL B 36 9.92 -9.52 8.16
N ILE B 37 10.99 -8.74 7.99
CA ILE B 37 11.35 -7.72 8.97
C ILE B 37 10.45 -6.47 8.80
N THR B 38 10.23 -6.05 7.56
CA THR B 38 9.37 -4.89 7.29
C THR B 38 8.99 -4.93 5.82
N ASP B 39 7.98 -4.16 5.44
CA ASP B 39 7.53 -4.12 4.05
C ASP B 39 8.21 -2.98 3.28
N THR B 40 9.03 -3.34 2.31
CA THR B 40 9.70 -2.34 1.48
C THR B 40 9.21 -2.44 0.04
N ALA B 41 8.57 -3.57 -0.28
CA ALA B 41 8.17 -3.86 -1.66
C ALA B 41 7.33 -2.78 -2.32
N TYR B 42 6.37 -2.20 -1.60
CA TYR B 42 5.54 -1.18 -2.21
C TYR B 42 6.33 0.08 -2.49
N TYR B 43 7.27 0.42 -1.61
CA TYR B 43 8.12 1.60 -1.86
C TYR B 43 8.97 1.36 -3.09
N HIS B 44 9.56 0.17 -3.23
CA HIS B 44 10.35 -0.12 -4.43
C HIS B 44 9.44 0.04 -5.65
N TYR B 45 8.23 -0.51 -5.57
CA TYR B 45 7.26 -0.39 -6.67
C TYR B 45 6.96 1.06 -7.04
N MET B 46 6.67 1.89 -6.04
CA MET B 46 6.38 3.29 -6.30
C MET B 46 7.56 3.98 -6.98
N ALA B 47 8.76 3.71 -6.48
CA ALA B 47 9.98 4.30 -7.03
C ALA B 47 10.25 3.88 -8.49
N TRP B 48 10.17 2.58 -8.79
CA TRP B 48 10.39 2.07 -10.15
C TRP B 48 9.29 2.53 -11.11
N ARG B 49 8.05 2.57 -10.60
CA ARG B 49 6.93 2.99 -11.42
C ARG B 49 7.18 4.38 -11.98
N LYS B 50 7.58 5.31 -11.13
CA LYS B 50 7.87 6.68 -11.54
C LYS B 50 8.93 6.66 -12.65
N LEU B 51 10.02 5.95 -12.40
CA LEU B 51 11.09 5.84 -13.40
C LEU B 51 10.59 5.20 -14.68
N ALA B 52 9.86 4.09 -14.55
CA ALA B 52 9.36 3.37 -15.71
C ALA B 52 8.48 4.29 -16.56
N HIS B 53 7.67 5.14 -15.95
CA HIS B 53 6.86 6.06 -16.74
C HIS B 53 7.72 7.02 -17.59
N LYS B 54 8.87 7.43 -17.09
CA LYS B 54 9.72 8.36 -17.86
C LYS B 54 10.13 7.75 -19.20
N VAL B 55 10.24 6.42 -19.25
CA VAL B 55 10.61 5.72 -20.48
C VAL B 55 9.43 4.98 -21.09
N GLY B 56 8.20 5.43 -20.78
CA GLY B 56 6.99 4.87 -21.38
C GLY B 56 6.57 3.45 -21.06
N ILE B 57 6.97 2.94 -19.91
CA ILE B 57 6.58 1.60 -19.47
C ILE B 57 5.67 1.76 -18.23
N ASP B 58 4.54 1.06 -18.22
CA ASP B 58 3.60 1.14 -17.10
C ASP B 58 3.64 -0.17 -16.31
N ILE B 59 4.31 -0.17 -15.17
CA ILE B 59 4.37 -1.41 -14.39
C ILE B 59 3.17 -1.45 -13.47
N ASP B 60 2.66 -2.66 -13.24
CA ASP B 60 1.50 -2.85 -12.37
C ASP B 60 1.92 -3.77 -11.25
N THR B 61 1.00 -4.03 -10.31
CA THR B 61 1.32 -4.87 -9.16
C THR B 61 1.54 -6.34 -9.53
N LYS B 62 0.91 -6.84 -10.60
CA LYS B 62 1.16 -8.23 -11.00
C LYS B 62 2.61 -8.34 -11.45
N PHE B 63 3.04 -7.47 -12.35
CA PHE B 63 4.44 -7.50 -12.79
C PHE B 63 5.42 -7.31 -11.62
N ASN B 64 5.08 -6.41 -10.70
CA ASN B 64 5.92 -6.14 -9.53
C ASN B 64 6.30 -7.40 -8.73
N GLU B 65 5.49 -8.46 -8.81
CA GLU B 65 5.83 -9.71 -8.13
C GLU B 65 7.14 -10.32 -8.65
N SER B 66 7.48 -10.03 -9.90
CA SER B 66 8.71 -10.55 -10.49
C SER B 66 9.94 -9.78 -10.01
N LEU B 67 9.73 -8.66 -9.32
CA LEU B 67 10.83 -7.86 -8.78
C LEU B 67 10.93 -8.03 -7.27
N LYS B 68 10.21 -9.01 -6.73
CA LYS B 68 10.11 -9.22 -5.28
C LYS B 68 11.41 -9.11 -4.48
N GLY B 69 12.25 -10.15 -4.50
CA GLY B 69 13.50 -10.10 -3.74
C GLY B 69 14.68 -9.95 -4.67
N ILE B 70 14.60 -9.00 -5.58
CA ILE B 70 15.61 -8.85 -6.64
C ILE B 70 16.44 -7.57 -6.62
N SER B 71 17.72 -7.71 -6.93
CA SER B 71 18.69 -6.61 -6.91
C SER B 71 18.34 -5.44 -7.84
N ARG B 72 19.02 -4.31 -7.64
CA ARG B 72 18.71 -3.08 -8.35
C ARG B 72 18.81 -3.16 -9.88
N MET B 73 20.02 -3.37 -10.41
CA MET B 73 20.20 -3.41 -11.87
C MET B 73 19.36 -4.50 -12.55
N GLU B 74 19.32 -5.69 -11.96
CA GLU B 74 18.51 -6.77 -12.52
C GLU B 74 17.04 -6.35 -12.57
N SER B 75 16.60 -5.58 -11.58
CA SER B 75 15.20 -5.14 -11.54
C SER B 75 14.92 -4.18 -12.67
N LEU B 76 15.87 -3.30 -12.96
CA LEU B 76 15.74 -2.38 -14.09
C LEU B 76 15.67 -3.19 -15.40
N ASP B 77 16.53 -4.19 -15.53
CA ASP B 77 16.49 -5.08 -16.70
C ASP B 77 15.16 -5.85 -16.78
N ARG B 78 14.53 -6.17 -15.66
CA ARG B 78 13.23 -6.86 -15.70
C ARG B 78 12.18 -5.88 -16.25
N ILE B 79 12.25 -4.64 -15.75
CA ILE B 79 11.32 -3.57 -16.13
C ILE B 79 11.41 -3.19 -17.60
N LEU B 80 12.62 -2.94 -18.07
CA LEU B 80 12.85 -2.58 -19.48
C LEU B 80 12.43 -3.75 -20.36
N GLU B 81 12.73 -4.98 -19.96
CA GLU B 81 12.33 -6.17 -20.74
C GLU B 81 10.81 -6.26 -20.89
N PHE B 82 10.09 -5.96 -19.81
CA PHE B 82 8.62 -5.96 -19.83
C PHE B 82 8.11 -4.93 -20.86
N GLY B 83 8.84 -3.83 -21.01
CA GLY B 83 8.48 -2.81 -22.01
C GLY B 83 9.26 -2.96 -23.31
N ASN B 84 9.86 -4.14 -23.54
CA ASN B 84 10.66 -4.41 -24.74
C ASN B 84 11.72 -3.36 -25.02
N LYS B 85 12.38 -2.91 -23.96
CA LYS B 85 13.40 -1.87 -24.07
C LYS B 85 14.69 -2.21 -23.33
N LYS B 86 14.97 -3.48 -23.07
CA LYS B 86 16.20 -3.83 -22.35
C LYS B 86 17.46 -3.47 -23.14
N TYR B 87 17.38 -3.44 -24.46
CA TYR B 87 18.54 -3.13 -25.28
C TYR B 87 18.51 -1.71 -25.88
N SER B 88 17.58 -0.90 -25.40
CA SER B 88 17.40 0.48 -25.87
C SER B 88 18.16 1.50 -25.01
N PHE B 89 18.85 1.03 -23.99
CA PHE B 89 19.63 1.89 -23.11
C PHE B 89 20.97 1.21 -22.85
N SER B 90 22.06 1.99 -22.80
CA SER B 90 23.39 1.45 -22.53
C SER B 90 23.59 1.16 -21.06
N GLU B 91 24.64 0.39 -20.72
CA GLU B 91 24.89 0.08 -19.30
C GLU B 91 25.00 1.38 -18.51
N GLU B 92 25.73 2.33 -19.07
CA GLU B 92 25.90 3.64 -18.46
C GLU B 92 24.56 4.34 -18.21
N GLU B 93 23.68 4.34 -19.21
CA GLU B 93 22.35 4.96 -19.08
C GLU B 93 21.56 4.28 -17.96
N LYS B 94 21.61 2.95 -17.94
CA LYS B 94 20.90 2.19 -16.91
C LYS B 94 21.40 2.49 -15.50
N VAL B 95 22.71 2.70 -15.34
CA VAL B 95 23.25 3.07 -14.03
C VAL B 95 22.60 4.39 -13.57
N ARG B 96 22.57 5.39 -14.45
CA ARG B 96 21.98 6.70 -14.10
C ARG B 96 20.49 6.59 -13.83
N MET B 97 19.82 5.72 -14.58
CA MET B 97 18.40 5.50 -14.37
C MET B 97 18.20 4.86 -12.99
N ALA B 98 19.00 3.84 -12.69
CA ALA B 98 18.94 3.17 -11.39
C ALA B 98 19.16 4.15 -10.24
N GLU B 99 20.17 5.03 -10.41
N GLU B 99 20.16 5.03 -10.38
CA GLU B 99 20.50 6.10 -9.47
CA GLU B 99 20.48 6.04 -9.37
C GLU B 99 19.32 6.97 -9.12
C GLU B 99 19.30 6.99 -9.09
N GLU B 100 18.62 7.42 -10.15
CA GLU B 100 17.47 8.30 -10.01
C GLU B 100 16.41 7.57 -9.19
N LYS B 101 16.06 6.35 -9.59
CA LYS B 101 15.07 5.55 -8.84
C LYS B 101 15.50 5.34 -7.40
N ASN B 102 16.80 5.11 -7.17
CA ASN B 102 17.34 4.90 -5.84
C ASN B 102 17.21 6.19 -5.02
N ASN B 103 17.63 7.30 -5.59
CA ASN B 103 17.54 8.57 -4.85
C ASN B 103 16.10 8.78 -4.35
N TYR B 104 15.14 8.55 -5.23
CA TYR B 104 13.74 8.71 -4.85
C TYR B 104 13.31 7.63 -3.85
N TYR B 105 13.78 6.40 -4.03
CA TYR B 105 13.42 5.34 -3.08
C TYR B 105 13.89 5.68 -1.68
N VAL B 106 15.13 6.17 -1.60
CA VAL B 106 15.72 6.58 -0.31
C VAL B 106 14.81 7.62 0.35
N SER B 107 14.33 8.56 -0.45
CA SER B 107 13.45 9.59 0.08
C SER B 107 12.17 9.01 0.70
N LEU B 108 11.68 7.91 0.14
CA LEU B 108 10.45 7.27 0.62
C LEU B 108 10.61 6.55 1.95
N ILE B 109 11.70 5.80 2.07
CA ILE B 109 11.97 5.04 3.27
C ILE B 109 12.50 5.85 4.45
N ASP B 110 12.89 7.10 4.24
CA ASP B 110 13.36 7.95 5.37
C ASP B 110 12.22 8.29 6.34
N GLU B 111 11.00 7.91 6.02
CA GLU B 111 9.88 8.18 6.91
C GLU B 111 9.46 6.90 7.66
N ILE B 112 10.25 5.84 7.54
CA ILE B 112 10.04 4.59 8.26
C ILE B 112 10.47 4.74 9.76
N THR B 113 9.68 4.17 10.68
CA THR B 113 9.98 4.21 12.13
C THR B 113 9.84 2.82 12.74
N SER B 114 10.07 2.73 14.04
CA SER B 114 9.94 1.46 14.77
C SER B 114 8.55 0.83 14.62
N ASN B 115 7.54 1.65 14.32
CA ASN B 115 6.18 1.15 14.15
C ASN B 115 6.01 0.30 12.91
N ASP B 116 7.00 0.34 12.03
CA ASP B 116 6.92 -0.39 10.77
C ASP B 116 7.55 -1.79 10.85
N ILE B 117 8.02 -2.18 12.04
CA ILE B 117 8.53 -3.52 12.22
C ILE B 117 7.29 -4.44 12.19
N LEU B 118 7.31 -5.46 11.36
CA LEU B 118 6.15 -6.36 11.29
C LEU B 118 5.92 -7.05 12.64
N PRO B 119 4.65 -7.25 13.01
CA PRO B 119 4.32 -7.87 14.32
C PRO B 119 5.03 -9.21 14.55
N GLY B 120 5.54 -9.40 15.78
CA GLY B 120 6.24 -10.62 16.20
C GLY B 120 7.76 -10.62 15.99
N ILE B 121 8.22 -9.88 14.99
CA ILE B 121 9.65 -9.84 14.66
C ILE B 121 10.55 -9.45 15.83
N GLU B 122 10.28 -8.32 16.48
CA GLU B 122 11.09 -7.90 17.64
C GLU B 122 11.19 -9.00 18.68
N SER B 123 10.04 -9.50 19.10
CA SER B 123 10.00 -10.59 20.06
C SER B 123 10.86 -11.78 19.58
N LEU B 124 10.78 -12.13 18.30
CA LEU B 124 11.58 -13.25 17.75
C LEU B 124 13.07 -12.96 17.84
N LEU B 125 13.45 -11.73 17.48
CA LEU B 125 14.85 -11.34 17.56
C LEU B 125 15.37 -11.52 18.99
N ILE B 126 14.64 -10.96 19.96
CA ILE B 126 15.03 -11.06 21.37
C ILE B 126 15.24 -12.52 21.80
N ASP B 127 14.26 -13.38 21.52
CA ASP B 127 14.36 -14.79 21.92
C ASP B 127 15.53 -15.50 21.24
N VAL B 128 15.77 -15.21 19.97
CA VAL B 128 16.88 -15.82 19.28
C VAL B 128 18.18 -15.43 19.97
N LYS B 129 18.29 -14.16 20.34
CA LYS B 129 19.48 -13.66 21.02
C LYS B 129 19.61 -14.42 22.37
N SER B 130 18.50 -14.51 23.09
CA SER B 130 18.42 -15.22 24.38
C SER B 130 18.96 -16.63 24.32
N ASN B 131 18.59 -17.38 23.28
CA ASN B 131 19.09 -18.76 23.16
C ASN B 131 20.47 -18.84 22.50
N ASN B 132 21.25 -17.76 22.63
CA ASN B 132 22.60 -17.64 22.07
C ASN B 132 22.70 -18.07 20.61
N ILE B 133 21.75 -17.59 19.81
CA ILE B 133 21.73 -17.90 18.40
C ILE B 133 22.08 -16.63 17.65
N LYS B 134 22.84 -16.78 16.58
CA LYS B 134 23.28 -15.63 15.76
C LYS B 134 22.19 -15.17 14.81
N ILE B 135 22.21 -13.87 14.51
CA ILE B 135 21.24 -13.24 13.63
C ILE B 135 21.91 -12.61 12.41
N GLY B 136 21.40 -12.92 11.23
CA GLY B 136 21.93 -12.39 9.99
C GLY B 136 20.84 -11.86 9.07
N LEU B 137 21.26 -11.05 8.11
CA LEU B 137 20.35 -10.51 7.11
C LEU B 137 20.95 -10.87 5.77
N SER B 138 20.15 -11.51 4.92
CA SER B 138 20.56 -11.83 3.55
C SER B 138 19.55 -11.19 2.59
N SER B 139 19.63 -9.86 2.49
CA SER B 139 18.75 -9.07 1.61
C SER B 139 19.48 -8.71 0.35
N ALA B 140 18.75 -8.61 -0.76
CA ALA B 140 19.35 -8.24 -2.04
C ALA B 140 19.50 -6.73 -2.20
N SER B 141 18.99 -5.98 -1.23
CA SER B 141 19.01 -4.51 -1.26
C SER B 141 20.19 -3.92 -0.55
N LYS B 142 20.83 -2.94 -1.20
CA LYS B 142 21.97 -2.23 -0.62
C LYS B 142 21.51 -1.13 0.33
N ASN B 143 20.19 -1.02 0.53
CA ASN B 143 19.62 -0.04 1.44
C ASN B 143 19.11 -0.69 2.73
N ALA B 144 19.39 -1.97 2.91
CA ALA B 144 18.91 -2.72 4.08
C ALA B 144 19.29 -2.06 5.40
N ILE B 145 20.55 -1.64 5.53
CA ILE B 145 21.03 -1.02 6.78
C ILE B 145 20.30 0.30 7.08
N ASN B 146 20.00 1.08 6.03
CA ASN B 146 19.26 2.33 6.24
C ASN B 146 17.89 1.97 6.80
N VAL B 147 17.24 0.96 6.20
CA VAL B 147 15.94 0.51 6.66
C VAL B 147 16.03 0.00 8.11
N LEU B 148 17.06 -0.79 8.42
CA LEU B 148 17.20 -1.29 9.80
C LEU B 148 17.45 -0.13 10.76
N ASN B 149 18.20 0.90 10.33
CA ASN B 149 18.45 2.09 11.17
C ASN B 149 17.13 2.76 11.52
N HIS B 150 16.34 3.07 10.50
CA HIS B 150 15.05 3.73 10.71
C HIS B 150 14.11 2.91 11.60
N LEU B 151 14.18 1.58 11.49
CA LEU B 151 13.33 0.71 12.32
C LEU B 151 13.88 0.60 13.75
N GLY B 152 15.12 1.04 13.94
CA GLY B 152 15.79 1.01 15.26
C GLY B 152 16.38 -0.31 15.69
N ILE B 153 16.60 -1.24 14.74
CA ILE B 153 17.11 -2.57 15.08
C ILE B 153 18.40 -3.02 14.40
N SER B 154 19.22 -2.09 13.92
CA SER B 154 20.50 -2.44 13.29
C SER B 154 21.34 -3.35 14.17
N ASP B 155 21.40 -3.02 15.46
CA ASP B 155 22.23 -3.74 16.41
C ASP B 155 21.77 -5.18 16.79
N LYS B 156 20.61 -5.64 16.31
CA LYS B 156 20.20 -7.02 16.60
C LYS B 156 20.84 -7.98 15.57
N PHE B 157 21.39 -7.40 14.50
CA PHE B 157 22.00 -8.18 13.43
C PHE B 157 23.51 -8.29 13.59
N ASP B 158 23.99 -9.52 13.58
CA ASP B 158 25.40 -9.81 13.76
C ASP B 158 26.14 -9.68 12.44
N PHE B 159 25.42 -9.87 11.35
CA PHE B 159 26.05 -9.77 10.04
C PHE B 159 24.99 -9.50 8.98
N ILE B 160 25.33 -8.62 8.04
CA ILE B 160 24.45 -8.24 6.93
C ILE B 160 25.19 -8.54 5.64
N ALA B 161 24.68 -9.50 4.86
CA ALA B 161 25.32 -9.85 3.59
C ALA B 161 25.40 -8.62 2.71
N ASP B 162 26.51 -8.43 2.04
CA ASP B 162 26.70 -7.27 1.18
C ASP B 162 26.11 -7.56 -0.19
N ALA B 163 24.98 -6.92 -0.48
CA ALA B 163 24.27 -7.07 -1.76
C ALA B 163 25.17 -6.72 -2.93
N GLY B 164 26.04 -5.74 -2.75
CA GLY B 164 26.97 -5.31 -3.81
C GLY B 164 27.96 -6.39 -4.22
N LYS B 165 28.34 -7.26 -3.28
CA LYS B 165 29.28 -8.36 -3.58
C LYS B 165 28.57 -9.63 -4.03
N CYS B 166 27.24 -9.64 -4.00
CA CYS B 166 26.50 -10.81 -4.44
C CYS B 166 26.39 -10.79 -5.96
N LYS B 167 26.84 -11.86 -6.60
N LYS B 167 26.81 -11.88 -6.58
CA LYS B 167 26.79 -11.96 -8.06
CA LYS B 167 26.82 -12.01 -8.03
C LYS B 167 25.55 -12.67 -8.60
C LYS B 167 25.53 -12.63 -8.58
N ASN B 168 24.87 -13.45 -7.75
CA ASN B 168 23.68 -14.19 -8.20
C ASN B 168 22.43 -13.95 -7.38
N ASN B 169 21.40 -13.43 -8.04
CA ASN B 169 20.10 -13.20 -7.43
C ASN B 169 19.39 -14.49 -7.05
N LYS B 170 18.47 -14.36 -6.10
CA LYS B 170 17.63 -15.48 -5.69
C LYS B 170 16.91 -15.85 -7.00
N PRO B 171 16.54 -17.12 -7.21
CA PRO B 171 16.64 -18.30 -6.34
C PRO B 171 18.04 -18.87 -6.06
N HIS B 172 19.09 -18.28 -6.63
CA HIS B 172 20.43 -18.76 -6.36
C HIS B 172 20.71 -18.52 -4.87
N PRO B 173 21.29 -19.50 -4.18
CA PRO B 173 21.52 -19.42 -2.73
C PRO B 173 22.67 -18.53 -2.25
N GLU B 174 23.38 -17.88 -3.17
CA GLU B 174 24.56 -17.10 -2.79
C GLU B 174 24.37 -16.18 -1.58
N ILE B 175 23.37 -15.30 -1.65
CA ILE B 175 23.13 -14.30 -0.58
C ILE B 175 22.96 -14.95 0.80
N PHE B 176 22.35 -16.13 0.85
CA PHE B 176 22.19 -16.81 2.13
C PHE B 176 23.49 -17.45 2.53
N LEU B 177 24.22 -17.97 1.54
CA LEU B 177 25.52 -18.56 1.82
C LEU B 177 26.52 -17.50 2.32
N MET B 178 26.42 -16.27 1.82
CA MET B 178 27.32 -15.19 2.27
C MET B 178 27.14 -14.86 3.76
N SER B 179 25.90 -14.99 4.25
CA SER B 179 25.61 -14.74 5.65
C SER B 179 26.10 -15.89 6.52
N ALA B 180 25.99 -17.12 6.04
CA ALA B 180 26.49 -18.27 6.78
C ALA B 180 28.00 -18.08 7.02
N LYS B 181 28.70 -17.61 5.99
CA LYS B 181 30.14 -17.36 6.08
C LYS B 181 30.46 -16.19 6.99
N GLY B 182 29.80 -15.06 6.77
CA GLY B 182 30.03 -13.86 7.58
C GLY B 182 29.77 -14.10 9.06
N LEU B 183 28.92 -15.09 9.36
CA LEU B 183 28.59 -15.47 10.74
C LEU B 183 29.44 -16.63 11.27
N ASN B 184 30.18 -17.28 10.38
N ASN B 184 30.20 -17.28 10.39
CA ASN B 184 31.03 -18.41 10.73
CA ASN B 184 31.04 -18.41 10.78
C ASN B 184 30.20 -19.53 11.33
C ASN B 184 30.18 -19.52 11.36
N VAL B 185 29.18 -19.96 10.59
CA VAL B 185 28.28 -21.03 11.01
C VAL B 185 28.06 -21.94 9.83
N ASN B 186 27.60 -23.16 10.09
CA ASN B 186 27.33 -24.12 9.03
C ASN B 186 25.87 -23.99 8.56
N PRO B 187 25.65 -23.98 7.22
CA PRO B 187 24.32 -23.81 6.66
C PRO B 187 23.30 -24.86 7.09
N GLN B 188 23.73 -26.12 7.25
CA GLN B 188 22.81 -27.17 7.72
C GLN B 188 22.21 -26.92 9.10
N ASN B 189 22.69 -25.89 9.81
CA ASN B 189 22.18 -25.55 11.13
C ASN B 189 21.63 -24.13 11.19
N CYS B 190 21.25 -23.62 10.04
CA CYS B 190 20.70 -22.29 9.91
C CYS B 190 19.25 -22.34 9.51
N ILE B 191 18.51 -21.32 9.93
CA ILE B 191 17.12 -21.16 9.59
C ILE B 191 17.00 -19.96 8.69
N GLY B 192 16.32 -20.14 7.57
CA GLY B 192 16.09 -19.07 6.61
C GLY B 192 14.64 -18.66 6.67
N ILE B 193 14.38 -17.35 6.78
CA ILE B 193 13.00 -16.84 6.85
C ILE B 193 12.75 -15.92 5.66
N GLU B 194 11.64 -16.13 4.95
CA GLU B 194 11.35 -15.36 3.73
C GLU B 194 9.85 -15.36 3.43
N ASP B 195 9.41 -14.47 2.53
CA ASP B 195 8.00 -14.39 2.11
C ASP B 195 7.87 -14.48 0.58
N ALA B 196 8.90 -14.94 -0.10
CA ALA B 196 8.95 -14.98 -1.56
C ALA B 196 9.40 -16.34 -2.05
N SER B 197 8.81 -16.79 -3.15
CA SER B 197 9.15 -18.10 -3.73
C SER B 197 10.66 -18.23 -4.00
N ALA B 198 11.22 -17.26 -4.72
CA ALA B 198 12.65 -17.28 -5.06
C ALA B 198 13.53 -17.39 -3.81
N GLY B 199 13.10 -16.76 -2.72
CA GLY B 199 13.83 -16.77 -1.49
C GLY B 199 13.85 -18.11 -0.83
N ILE B 200 12.69 -18.79 -0.84
CA ILE B 200 12.57 -20.14 -0.29
C ILE B 200 13.45 -21.12 -1.02
N ASP B 201 13.48 -21.03 -2.35
CA ASP B 201 14.36 -21.90 -3.15
C ASP B 201 15.82 -21.62 -2.79
N ALA B 202 16.17 -20.34 -2.70
CA ALA B 202 17.53 -19.96 -2.34
C ALA B 202 17.94 -20.52 -0.97
N ILE B 203 16.98 -20.53 -0.03
CA ILE B 203 17.26 -21.01 1.31
C ILE B 203 17.49 -22.52 1.29
N ASN B 204 16.68 -23.24 0.52
CA ASN B 204 16.80 -24.70 0.42
C ASN B 204 18.05 -25.14 -0.35
N SER B 205 18.37 -24.44 -1.44
CA SER B 205 19.59 -24.74 -2.22
C SER B 205 20.83 -24.49 -1.38
N ALA B 206 20.68 -23.67 -0.33
CA ALA B 206 21.77 -23.38 0.61
C ALA B 206 21.85 -24.47 1.69
N ASN B 207 20.94 -25.43 1.60
CA ASN B 207 20.83 -26.56 2.52
C ASN B 207 20.39 -26.09 3.92
N MET B 208 19.56 -25.05 3.95
CA MET B 208 19.08 -24.48 5.22
C MET B 208 17.64 -24.83 5.42
N PHE B 209 17.16 -24.68 6.65
CA PHE B 209 15.75 -24.91 6.98
C PHE B 209 15.00 -23.66 6.58
N SER B 210 13.99 -23.81 5.74
CA SER B 210 13.23 -22.65 5.23
C SER B 210 11.87 -22.40 5.87
N VAL B 211 11.66 -21.17 6.32
CA VAL B 211 10.42 -20.75 6.93
C VAL B 211 9.76 -19.69 6.03
N GLY B 212 8.57 -20.01 5.53
CA GLY B 212 7.83 -19.11 4.68
C GLY B 212 6.74 -18.37 5.46
N VAL B 213 6.59 -17.08 5.18
CA VAL B 213 5.58 -16.24 5.82
C VAL B 213 4.70 -15.67 4.73
N GLY B 214 3.39 -15.93 4.81
CA GLY B 214 2.47 -15.43 3.80
C GLY B 214 1.56 -16.50 3.21
N ASN B 215 1.22 -16.33 1.94
CA ASN B 215 0.34 -17.26 1.24
C ASN B 215 1.06 -18.58 0.96
N TYR B 216 0.41 -19.69 1.29
CA TYR B 216 1.00 -21.00 1.09
C TYR B 216 1.20 -21.37 -0.37
N GLU B 217 0.46 -20.72 -1.27
CA GLU B 217 0.55 -20.98 -2.71
C GLU B 217 1.92 -20.61 -3.23
N ASN B 218 2.39 -19.41 -2.87
CA ASN B 218 3.71 -18.94 -3.28
C ASN B 218 4.86 -19.56 -2.48
N LEU B 219 4.53 -20.27 -1.41
CA LEU B 219 5.54 -20.83 -0.53
C LEU B 219 5.43 -22.35 -0.39
N LYS B 220 5.04 -23.03 -1.46
CA LYS B 220 4.85 -24.49 -1.45
C LYS B 220 6.08 -25.27 -1.05
N LYS B 221 7.25 -24.75 -1.41
CA LYS B 221 8.55 -25.40 -1.18
C LYS B 221 9.17 -25.15 0.21
N ALA B 222 8.52 -24.34 1.03
CA ALA B 222 9.08 -24.05 2.35
C ALA B 222 8.93 -25.26 3.23
N ASN B 223 9.92 -25.52 4.07
CA ASN B 223 9.87 -26.63 5.00
C ASN B 223 8.83 -26.33 6.08
N LEU B 224 8.66 -25.03 6.38
CA LEU B 224 7.69 -24.59 7.36
C LEU B 224 7.00 -23.31 6.89
N VAL B 225 5.67 -23.34 6.83
CA VAL B 225 4.91 -22.16 6.42
C VAL B 225 4.04 -21.63 7.54
N VAL B 226 4.03 -20.30 7.64
CA VAL B 226 3.28 -19.56 8.64
C VAL B 226 2.45 -18.45 7.97
N ASP B 227 1.24 -18.22 8.48
CA ASP B 227 0.33 -17.21 7.93
C ASP B 227 0.91 -15.79 7.87
N SER B 228 1.41 -15.33 9.01
CA SER B 228 1.96 -13.98 9.12
C SER B 228 3.13 -13.99 10.08
N THR B 229 3.86 -12.87 10.13
CA THR B 229 5.00 -12.75 11.02
C THR B 229 4.61 -13.00 12.48
N ASN B 230 3.37 -12.67 12.85
CA ASN B 230 2.87 -12.94 14.21
C ASN B 230 3.01 -14.37 14.67
N GLN B 231 3.02 -15.31 13.73
CA GLN B 231 3.13 -16.71 14.08
C GLN B 231 4.57 -17.23 14.14
N LEU B 232 5.54 -16.33 13.99
CA LEU B 232 6.98 -16.67 14.05
C LEU B 232 7.48 -16.74 15.50
N LYS B 233 6.94 -17.70 16.24
CA LYS B 233 7.28 -17.93 17.64
C LYS B 233 8.49 -18.86 17.73
N PHE B 234 9.58 -18.37 18.32
CA PHE B 234 10.82 -19.15 18.44
C PHE B 234 10.63 -20.61 18.81
N GLU B 235 9.90 -20.86 19.90
CA GLU B 235 9.68 -22.22 20.43
C GLU B 235 9.10 -23.12 19.34
N TYR B 236 8.10 -22.60 18.65
CA TYR B 236 7.42 -23.32 17.59
C TYR B 236 8.41 -23.56 16.47
N ILE B 237 9.12 -22.52 16.05
CA ILE B 237 10.10 -22.66 14.97
C ILE B 237 11.11 -23.74 15.32
N GLN B 238 11.62 -23.68 16.55
CA GLN B 238 12.61 -24.65 17.02
C GLN B 238 12.06 -26.08 17.01
N GLU B 239 10.83 -26.28 17.43
CA GLU B 239 10.24 -27.64 17.44
C GLU B 239 10.14 -28.21 16.04
N LYS B 240 9.71 -27.38 15.10
CA LYS B 240 9.57 -27.82 13.73
C LYS B 240 10.95 -28.09 13.15
N TYR B 241 11.92 -27.27 13.52
CA TYR B 241 13.30 -27.48 13.10
C TYR B 241 13.82 -28.82 13.61
N ASN B 242 13.46 -29.16 14.85
CA ASN B 242 13.85 -30.42 15.45
C ASN B 242 13.22 -31.59 14.67
N GLU B 243 11.91 -31.51 14.41
CA GLU B 243 11.21 -32.52 13.62
C GLU B 243 11.92 -32.69 12.26
N TYR B 244 12.24 -31.58 11.61
CA TYR B 244 12.91 -31.59 10.31
C TYR B 244 14.28 -32.25 10.34
N ILE B 245 15.03 -31.99 11.42
CA ILE B 245 16.39 -32.50 11.55
C ILE B 245 16.42 -34.02 11.83
N VAL B 246 15.39 -34.55 12.49
CA VAL B 246 15.32 -35.99 12.83
C VAL B 246 15.04 -36.91 11.64
N ARG B 247 14.45 -36.38 10.57
CA ARG B 247 14.13 -37.18 9.39
C ARG B 247 15.38 -37.88 8.86
#